data_8F4T
#
_entry.id   8F4T
#
_cell.length_a   175.088
_cell.length_b   175.088
_cell.length_c   123.104
_cell.angle_alpha   90.00
_cell.angle_beta   90.00
_cell.angle_gamma   120.00
#
_symmetry.space_group_name_H-M   'H 3 2'
#
loop_
_entity.id
_entity.type
_entity.pdbx_description
1 polymer 'N-acetyltransferase Eis'
2 non-polymer "N-(4-chlorophenyl)-N'-(propan-2-yl)triimidodicarbonic diamide"
3 non-polymer GLYCEROL
4 non-polymer DI(HYDROXYETHYL)ETHER
5 non-polymer 'DIMETHYL SULFOXIDE'
6 water water
#
_entity_poly.entity_id   1
_entity_poly.type   'polypeptide(L)'
_entity_poly.pdbx_seq_one_letter_code
;MGSSHHHHHHSSGLVPRGSHMTVTLCSPTEDDWPGMFLLAAASFTDFIGPESATAWRTLVPTDGAVVVRDGAGPGSEVVG
MALYMDLRLTVPGEVVLPTAGLSFVAVAPTHRRRGLLRAMCAELHRRIADSGYPVAALHASEGGIYGRFGYGPATTLHEL
TVDRRFARFHADAPGGGLGGSSVRLVRPTEHRGEFEAIYERWRQQVPGGLLRPQVLWDELLAEAKAAPGGDRESFALLHP
DGYALYRVDRTDLKLARVSELRAVTADAHCALWRALIGLDSMERISIITHPQDPLPHLLTDTRLARTTWRQDGLWLRIMN
VPAALEARGYAHEVGEFSTVLEVSDGGRFALKIGDGRARCTPTDAAAEIEMDRDVLGSLYLGAHRASTLAAANRLRTKDS
QLLRRLDAAFASDVPVQTAFEF
;
_entity_poly.pdbx_strand_id   A
#
loop_
_chem_comp.id
_chem_comp.type
_chem_comp.name
_chem_comp.formula
DMS non-polymer 'DIMETHYL SULFOXIDE' 'C2 H6 O S'
GOL non-polymer GLYCEROL 'C3 H8 O3'
PEG non-polymer DI(HYDROXYETHYL)ETHER 'C4 H10 O3'
XEW non-polymer 'N-(4-chlorophenyl)-N'-(propan-2-yl)triimidodicarbonic diamide' 'C11 H16 Cl N5'
#
# COMPACT_ATOMS: atom_id res chain seq x y z
N VAL A 23 -14.76 -14.05 -27.83
CA VAL A 23 -13.99 -14.08 -26.55
C VAL A 23 -14.91 -14.55 -25.43
N THR A 24 -14.37 -15.32 -24.47
CA THR A 24 -15.18 -15.81 -23.32
C THR A 24 -14.45 -15.49 -22.02
N LEU A 25 -15.20 -15.21 -20.94
CA LEU A 25 -14.58 -14.93 -19.62
C LEU A 25 -14.93 -16.07 -18.66
N CYS A 26 -13.92 -16.65 -18.01
CA CYS A 26 -14.15 -17.78 -17.08
C CYS A 26 -13.02 -17.96 -16.08
N SER A 27 -13.27 -18.71 -15.02
CA SER A 27 -12.20 -19.14 -14.08
C SER A 27 -11.22 -20.00 -14.85
N PRO A 28 -9.90 -19.80 -14.72
CA PRO A 28 -8.97 -20.67 -15.45
C PRO A 28 -8.94 -22.09 -14.88
N THR A 29 -8.78 -23.06 -15.80
CA THR A 29 -8.38 -24.46 -15.50
C THR A 29 -6.85 -24.52 -15.37
N GLU A 30 -6.34 -25.64 -14.87
CA GLU A 30 -4.87 -25.87 -14.75
C GLU A 30 -4.22 -25.68 -16.14
N ASP A 31 -4.94 -26.00 -17.20
CA ASP A 31 -4.43 -25.95 -18.60
C ASP A 31 -4.25 -24.51 -19.07
N ASP A 32 -4.87 -23.55 -18.38
CA ASP A 32 -4.80 -22.11 -18.74
C ASP A 32 -3.51 -21.47 -18.22
N TRP A 33 -2.86 -22.04 -17.23
CA TRP A 33 -1.81 -21.32 -16.48
C TRP A 33 -0.57 -21.09 -17.34
N PRO A 34 -0.12 -22.02 -18.22
CA PRO A 34 1.01 -21.73 -19.12
C PRO A 34 0.73 -20.51 -20.04
N GLY A 35 -0.50 -20.41 -20.58
CA GLY A 35 -1.02 -19.27 -21.35
C GLY A 35 -1.00 -17.98 -20.53
N MET A 36 -1.35 -18.08 -19.24
CA MET A 36 -1.31 -16.91 -18.29
C MET A 36 0.14 -16.46 -18.02
N PHE A 37 1.04 -17.41 -17.82
CA PHE A 37 2.48 -17.10 -17.58
C PHE A 37 3.12 -16.49 -18.85
N LEU A 38 2.69 -16.86 -20.06
CA LEU A 38 3.20 -16.22 -21.31
C LEU A 38 2.73 -14.76 -21.34
N LEU A 39 1.44 -14.51 -21.12
CA LEU A 39 0.89 -13.14 -21.07
C LEU A 39 1.61 -12.32 -19.99
N ALA A 40 1.91 -12.96 -18.85
CA ALA A 40 2.58 -12.30 -17.70
C ALA A 40 4.02 -11.87 -18.10
N ALA A 41 4.81 -12.78 -18.63
CA ALA A 41 6.18 -12.49 -19.13
C ALA A 41 6.17 -11.34 -20.16
N ALA A 42 5.16 -11.27 -21.01
CA ALA A 42 5.06 -10.27 -22.10
C ALA A 42 4.54 -8.96 -21.53
N SER A 43 3.89 -8.99 -20.35
CA SER A 43 3.17 -7.82 -19.82
C SER A 43 3.98 -7.14 -18.70
N PHE A 44 4.75 -7.92 -17.95
CA PHE A 44 5.45 -7.46 -16.71
C PHE A 44 6.95 -7.70 -16.82
N THR A 45 7.72 -6.62 -16.77
CA THR A 45 9.21 -6.69 -16.87
C THR A 45 9.78 -7.32 -15.59
N ASP A 46 9.09 -7.11 -14.45
CA ASP A 46 9.47 -7.62 -13.11
C ASP A 46 9.01 -9.07 -12.92
N PHE A 47 8.64 -9.78 -14.00
CA PHE A 47 8.14 -11.17 -13.93
C PHE A 47 9.31 -12.12 -13.72
N ILE A 48 9.67 -12.37 -12.45
CA ILE A 48 10.81 -13.24 -12.02
C ILE A 48 10.77 -14.49 -12.91
N GLY A 49 9.69 -15.28 -12.79
CA GLY A 49 9.45 -16.46 -13.62
C GLY A 49 8.29 -17.28 -13.07
N PRO A 50 7.99 -18.46 -13.69
CA PRO A 50 6.85 -19.30 -13.32
C PRO A 50 6.95 -19.80 -11.87
N GLU A 51 8.18 -19.97 -11.37
CA GLU A 51 8.46 -20.44 -9.98
C GLU A 51 7.96 -19.38 -8.99
N SER A 52 8.39 -18.13 -9.12
CA SER A 52 7.92 -17.03 -8.23
C SER A 52 6.37 -16.94 -8.32
N ALA A 53 5.84 -16.95 -9.55
CA ALA A 53 4.39 -16.87 -9.85
C ALA A 53 3.65 -17.95 -9.06
N THR A 54 4.14 -19.19 -9.07
CA THR A 54 3.50 -20.35 -8.37
C THR A 54 3.48 -20.13 -6.85
N ALA A 55 4.43 -19.41 -6.27
CA ALA A 55 4.38 -19.12 -4.82
C ALA A 55 3.28 -18.08 -4.52
N TRP A 56 3.22 -16.97 -5.25
CA TRP A 56 2.15 -15.94 -5.10
C TRP A 56 0.77 -16.61 -5.30
N ARG A 57 0.72 -17.61 -6.15
CA ARG A 57 -0.52 -18.33 -6.51
C ARG A 57 -1.16 -18.97 -5.28
N THR A 58 -0.38 -19.38 -4.30
CA THR A 58 -0.93 -19.90 -3.00
C THR A 58 -1.78 -18.83 -2.29
N LEU A 59 -1.70 -17.53 -2.59
CA LEU A 59 -2.51 -16.48 -1.92
C LEU A 59 -3.81 -16.24 -2.69
N VAL A 60 -3.99 -16.90 -3.83
CA VAL A 60 -5.18 -16.69 -4.67
C VAL A 60 -6.23 -17.72 -4.24
N PRO A 61 -7.40 -17.27 -3.78
CA PRO A 61 -8.45 -18.22 -3.42
C PRO A 61 -9.02 -18.96 -4.64
N THR A 62 -9.63 -20.11 -4.38
CA THR A 62 -10.51 -20.78 -5.38
C THR A 62 -11.43 -19.74 -6.02
N ASP A 63 -11.56 -19.68 -7.31
CA ASP A 63 -12.46 -18.66 -7.92
C ASP A 63 -11.93 -17.22 -7.74
N GLY A 64 -10.66 -17.05 -7.38
CA GLY A 64 -10.04 -15.72 -7.31
C GLY A 64 -9.50 -15.21 -8.64
N ALA A 65 -9.58 -15.98 -9.71
CA ALA A 65 -8.97 -15.65 -11.02
C ALA A 65 -9.98 -15.75 -12.13
N VAL A 66 -9.86 -14.83 -13.09
CA VAL A 66 -10.62 -14.87 -14.37
C VAL A 66 -9.63 -14.79 -15.54
N VAL A 67 -9.97 -15.47 -16.63
CA VAL A 67 -9.22 -15.37 -17.91
C VAL A 67 -10.21 -15.10 -19.01
N VAL A 68 -9.70 -14.46 -20.04
CA VAL A 68 -10.42 -14.31 -21.32
C VAL A 68 -9.67 -15.14 -22.35
N ARG A 69 -10.38 -15.99 -23.08
CA ARG A 69 -9.79 -16.82 -24.17
C ARG A 69 -10.32 -16.31 -25.51
N ASP A 70 -9.51 -16.40 -26.55
CA ASP A 70 -9.99 -16.13 -27.93
C ASP A 70 -10.31 -17.47 -28.57
N GLY A 71 -11.60 -17.75 -28.80
N SER A 76 -8.52 -22.51 -26.37
CA SER A 76 -7.68 -21.67 -27.27
C SER A 76 -6.82 -20.75 -26.40
N GLU A 77 -6.37 -19.58 -26.89
CA GLU A 77 -5.27 -18.80 -26.25
C GLU A 77 -5.80 -17.76 -25.24
N VAL A 78 -4.99 -17.49 -24.21
CA VAL A 78 -5.29 -16.50 -23.13
C VAL A 78 -4.91 -15.10 -23.62
N VAL A 79 -5.90 -14.21 -23.68
CA VAL A 79 -5.73 -12.82 -24.14
C VAL A 79 -6.03 -11.79 -23.03
N GLY A 80 -6.50 -12.25 -21.88
CA GLY A 80 -6.69 -11.36 -20.72
C GLY A 80 -6.77 -12.17 -19.45
N MET A 81 -6.33 -11.58 -18.36
CA MET A 81 -6.37 -12.26 -17.04
C MET A 81 -6.44 -11.21 -15.95
N ALA A 82 -6.97 -11.62 -14.80
CA ALA A 82 -7.01 -10.80 -13.59
C ALA A 82 -7.29 -11.73 -12.42
N LEU A 83 -6.75 -11.42 -11.26
CA LEU A 83 -7.09 -12.20 -10.05
C LEU A 83 -6.99 -11.30 -8.83
N TYR A 84 -7.40 -11.87 -7.71
CA TYR A 84 -7.24 -11.20 -6.40
C TYR A 84 -6.64 -12.22 -5.45
N MET A 85 -5.90 -11.69 -4.50
CA MET A 85 -5.31 -12.47 -3.41
C MET A 85 -6.05 -12.12 -2.13
N ASP A 86 -6.05 -13.05 -1.22
CA ASP A 86 -6.60 -12.81 0.15
C ASP A 86 -5.55 -12.07 1.01
N LEU A 87 -5.79 -10.80 1.34
CA LEU A 87 -4.88 -10.00 2.17
C LEU A 87 -5.56 -9.55 3.47
N ARG A 88 -4.75 -9.05 4.40
CA ARG A 88 -5.20 -8.43 5.67
C ARG A 88 -4.57 -7.05 5.76
N LEU A 89 -5.39 -6.02 5.72
CA LEU A 89 -4.97 -4.62 5.69
C LEU A 89 -5.33 -3.94 7.02
N THR A 90 -4.35 -3.27 7.61
CA THR A 90 -4.55 -2.52 8.83
C THR A 90 -5.09 -1.13 8.46
N VAL A 91 -6.13 -0.69 9.14
CA VAL A 91 -6.76 0.64 8.89
C VAL A 91 -6.71 1.42 10.20
N PRO A 92 -6.96 2.75 10.18
CA PRO A 92 -6.87 3.54 11.43
C PRO A 92 -7.70 2.93 12.57
N GLY A 93 -7.11 2.95 13.76
CA GLY A 93 -7.67 2.30 14.96
C GLY A 93 -7.08 0.92 15.14
N GLU A 94 -6.05 0.54 14.38
CA GLU A 94 -5.44 -0.83 14.44
C GLU A 94 -6.45 -1.94 14.13
N VAL A 95 -7.40 -1.66 13.26
CA VAL A 95 -8.42 -2.64 12.84
C VAL A 95 -7.84 -3.33 11.60
N VAL A 96 -7.97 -4.65 11.49
CA VAL A 96 -7.46 -5.44 10.34
C VAL A 96 -8.67 -5.90 9.52
N LEU A 97 -8.74 -5.50 8.26
CA LEU A 97 -9.82 -5.88 7.32
C LEU A 97 -9.36 -6.95 6.36
N PRO A 98 -10.22 -7.96 6.11
CA PRO A 98 -10.02 -8.83 4.97
C PRO A 98 -10.09 -7.94 3.73
N THR A 99 -9.11 -8.11 2.83
CA THR A 99 -8.91 -7.23 1.65
C THR A 99 -8.64 -8.09 0.43
N ALA A 100 -9.33 -7.80 -0.68
CA ALA A 100 -9.05 -8.51 -1.95
C ALA A 100 -7.99 -7.71 -2.72
N GLY A 101 -6.77 -8.26 -2.80
CA GLY A 101 -5.68 -7.58 -3.51
C GLY A 101 -5.64 -7.94 -4.98
N LEU A 102 -6.13 -7.04 -5.84
CA LEU A 102 -6.09 -7.28 -7.30
C LEU A 102 -4.63 -7.31 -7.77
N SER A 103 -4.30 -8.25 -8.67
CA SER A 103 -2.91 -8.39 -9.16
C SER A 103 -2.91 -9.24 -10.45
N PHE A 104 -1.75 -9.30 -11.12
CA PHE A 104 -1.62 -10.16 -12.34
C PHE A 104 -2.68 -9.77 -13.38
N VAL A 105 -3.01 -8.48 -13.47
CA VAL A 105 -4.03 -8.00 -14.44
C VAL A 105 -3.31 -7.65 -15.75
N ALA A 106 -3.74 -8.26 -16.86
CA ALA A 106 -3.04 -8.02 -18.14
C ALA A 106 -3.98 -8.26 -19.32
N VAL A 107 -3.85 -7.44 -20.35
CA VAL A 107 -4.62 -7.68 -21.60
C VAL A 107 -3.60 -7.77 -22.74
N ALA A 108 -3.69 -8.81 -23.56
CA ALA A 108 -2.74 -9.03 -24.67
C ALA A 108 -2.70 -7.78 -25.56
N PRO A 109 -1.51 -7.41 -26.11
CA PRO A 109 -1.38 -6.23 -26.95
C PRO A 109 -2.18 -6.32 -28.25
N THR A 110 -2.59 -7.55 -28.59
CA THR A 110 -3.45 -7.93 -29.74
C THR A 110 -4.91 -7.64 -29.48
N HIS A 111 -5.31 -7.35 -28.23
CA HIS A 111 -6.74 -7.35 -27.84
C HIS A 111 -7.08 -6.07 -27.08
N ARG A 112 -6.36 -4.99 -27.34
CA ARG A 112 -6.64 -3.70 -26.66
C ARG A 112 -7.98 -3.16 -27.13
N ARG A 113 -8.61 -2.27 -26.35
CA ARG A 113 -9.81 -1.50 -26.78
C ARG A 113 -10.99 -2.42 -27.15
N ARG A 114 -11.13 -3.56 -26.48
CA ARG A 114 -12.26 -4.48 -26.73
C ARG A 114 -13.05 -4.67 -25.42
N GLY A 115 -12.82 -3.86 -24.40
CA GLY A 115 -13.60 -3.92 -23.14
C GLY A 115 -13.20 -5.10 -22.28
N LEU A 116 -12.04 -5.75 -22.50
CA LEU A 116 -11.62 -6.93 -21.70
C LEU A 116 -11.36 -6.53 -20.24
N LEU A 117 -10.63 -5.43 -20.00
CA LEU A 117 -10.34 -4.98 -18.62
C LEU A 117 -11.65 -4.69 -17.88
N ARG A 118 -12.60 -4.02 -18.50
CA ARG A 118 -13.87 -3.64 -17.83
C ARG A 118 -14.64 -4.93 -17.47
N ALA A 119 -14.74 -5.88 -18.40
CA ALA A 119 -15.41 -7.18 -18.20
C ALA A 119 -14.71 -7.96 -17.08
N MET A 120 -13.37 -8.03 -17.06
CA MET A 120 -12.67 -8.81 -16.01
C MET A 120 -12.86 -8.14 -14.63
N CYS A 121 -12.73 -6.80 -14.52
CA CYS A 121 -12.91 -6.06 -13.26
C CYS A 121 -14.37 -6.21 -12.75
N ALA A 122 -15.37 -6.13 -13.64
CA ALA A 122 -16.80 -6.30 -13.25
C ALA A 122 -17.03 -7.69 -12.65
N GLU A 123 -16.51 -8.73 -13.27
CA GLU A 123 -16.65 -10.11 -12.74
C GLU A 123 -15.91 -10.28 -11.43
N LEU A 124 -14.67 -9.80 -11.31
CA LEU A 124 -13.96 -9.99 -10.02
C LEU A 124 -14.65 -9.20 -8.92
N HIS A 125 -15.12 -8.00 -9.23
CA HIS A 125 -15.77 -7.14 -8.23
C HIS A 125 -17.08 -7.81 -7.73
N ARG A 126 -17.82 -8.44 -8.63
CA ARG A 126 -19.02 -9.26 -8.28
C ARG A 126 -18.60 -10.35 -7.30
N ARG A 127 -17.53 -11.07 -7.61
CA ARG A 127 -17.08 -12.21 -6.78
C ARG A 127 -16.57 -11.68 -5.43
N ILE A 128 -15.82 -10.60 -5.44
CA ILE A 128 -15.25 -10.03 -4.19
C ILE A 128 -16.40 -9.60 -3.27
N ALA A 129 -17.34 -8.83 -3.78
CA ALA A 129 -18.51 -8.31 -3.03
C ALA A 129 -19.34 -9.50 -2.50
N ASP A 130 -19.66 -10.47 -3.34
CA ASP A 130 -20.43 -11.67 -2.93
C ASP A 130 -19.67 -12.45 -1.85
N SER A 131 -18.36 -12.41 -1.86
CA SER A 131 -17.55 -13.23 -0.93
C SER A 131 -17.53 -12.58 0.45
N GLY A 132 -17.92 -11.29 0.56
CA GLY A 132 -17.91 -10.64 1.87
C GLY A 132 -16.73 -9.72 2.16
N TYR A 133 -15.89 -9.38 1.15
CA TYR A 133 -14.78 -8.45 1.39
C TYR A 133 -15.33 -7.04 1.51
N PRO A 134 -14.95 -6.25 2.53
CA PRO A 134 -15.41 -4.87 2.57
C PRO A 134 -14.60 -3.92 1.66
N VAL A 135 -13.36 -4.30 1.33
CA VAL A 135 -12.45 -3.43 0.54
C VAL A 135 -11.66 -4.30 -0.45
N ALA A 136 -11.33 -3.69 -1.57
CA ALA A 136 -10.35 -4.21 -2.54
C ALA A 136 -9.21 -3.21 -2.62
N ALA A 137 -8.06 -3.68 -3.06
CA ALA A 137 -6.84 -2.82 -3.12
C ALA A 137 -5.99 -3.29 -4.29
N LEU A 138 -5.19 -2.36 -4.79
CA LEU A 138 -4.21 -2.65 -5.85
C LEU A 138 -3.08 -1.61 -5.82
N HIS A 139 -2.01 -1.94 -6.53
CA HIS A 139 -0.95 -0.99 -6.97
C HIS A 139 -1.13 -0.75 -8.48
N ALA A 140 -1.16 0.51 -8.90
CA ALA A 140 -1.57 0.87 -10.27
C ALA A 140 -0.32 0.95 -11.14
N SER A 141 -0.35 0.36 -12.34
CA SER A 141 0.76 0.47 -13.32
C SER A 141 0.75 1.86 -13.94
N GLU A 142 -0.41 2.48 -14.06
CA GLU A 142 -0.51 3.90 -14.48
C GLU A 142 -1.58 4.59 -13.64
N GLY A 143 -1.55 5.93 -13.56
CA GLY A 143 -2.45 6.71 -12.69
C GLY A 143 -3.88 6.87 -13.23
N GLY A 144 -4.12 6.63 -14.53
CA GLY A 144 -5.40 7.05 -15.20
C GLY A 144 -6.40 5.92 -15.43
N ILE A 145 -6.12 4.71 -14.97
CA ILE A 145 -6.92 3.49 -15.30
C ILE A 145 -8.02 3.31 -14.23
N TYR A 146 -7.66 3.22 -12.94
CA TYR A 146 -8.46 2.52 -11.91
C TYR A 146 -9.50 3.43 -11.24
N GLY A 147 -9.35 4.75 -11.34
CA GLY A 147 -10.37 5.70 -10.89
C GLY A 147 -11.77 5.32 -11.36
N ARG A 148 -11.92 5.05 -12.65
CA ARG A 148 -13.27 4.82 -13.21
C ARG A 148 -13.83 3.47 -12.73
N PHE A 149 -13.04 2.58 -12.12
CA PHE A 149 -13.52 1.33 -11.52
C PHE A 149 -13.69 1.47 -10.01
N GLY A 150 -13.60 2.68 -9.47
CA GLY A 150 -13.90 2.98 -8.07
C GLY A 150 -12.70 2.91 -7.13
N TYR A 151 -11.47 2.77 -7.65
CA TYR A 151 -10.23 2.80 -6.83
C TYR A 151 -9.70 4.23 -6.69
N GLY A 152 -9.38 4.60 -5.46
CA GLY A 152 -8.78 5.91 -5.16
C GLY A 152 -7.41 5.68 -4.56
N PRO A 153 -6.41 6.50 -4.91
CA PRO A 153 -5.08 6.33 -4.30
C PRO A 153 -5.14 6.66 -2.81
N ALA A 154 -4.67 5.79 -1.96
CA ALA A 154 -4.93 5.85 -0.50
C ALA A 154 -3.65 5.96 0.33
N THR A 155 -2.49 5.62 -0.25
CA THR A 155 -1.17 5.84 0.38
C THR A 155 -0.31 6.62 -0.60
N THR A 156 0.68 7.32 -0.06
CA THR A 156 1.60 8.11 -0.90
C THR A 156 3.05 7.64 -0.69
N LEU A 157 3.73 7.29 -1.76
CA LEU A 157 5.15 6.87 -1.71
C LEU A 157 6.01 8.14 -1.82
N HIS A 158 7.00 8.24 -0.95
CA HIS A 158 7.88 9.42 -0.90
C HIS A 158 9.33 8.92 -0.85
N GLU A 159 10.08 9.14 -1.92
CA GLU A 159 11.50 8.75 -1.93
C GLU A 159 12.36 9.86 -1.32
N LEU A 160 13.14 9.49 -0.31
CA LEU A 160 14.08 10.48 0.27
C LEU A 160 15.51 10.05 -0.07
N THR A 161 16.33 10.97 -0.57
CA THR A 161 17.75 10.67 -0.84
C THR A 161 18.60 11.53 0.08
N VAL A 162 19.43 10.91 0.92
CA VAL A 162 20.24 11.68 1.90
C VAL A 162 21.69 11.77 1.41
N ASP A 163 22.26 12.96 1.31
CA ASP A 163 23.72 13.11 1.09
C ASP A 163 24.42 12.86 2.40
N ARG A 164 24.74 11.60 2.70
CA ARG A 164 25.20 11.20 4.05
C ARG A 164 26.53 11.87 4.39
N ARG A 165 27.30 12.34 3.40
CA ARG A 165 28.63 12.98 3.68
C ARG A 165 28.46 14.22 4.56
N PHE A 166 27.32 14.90 4.50
CA PHE A 166 27.10 16.13 5.29
C PHE A 166 26.19 15.88 6.49
N ALA A 167 25.59 14.69 6.57
CA ALA A 167 24.50 14.43 7.56
C ALA A 167 25.09 14.41 8.96
N ARG A 168 24.62 15.29 9.84
CA ARG A 168 24.97 15.27 11.29
C ARG A 168 23.65 15.15 12.05
N PHE A 169 23.61 14.30 13.06
CA PHE A 169 22.42 14.13 13.92
C PHE A 169 22.27 15.33 14.83
N HIS A 170 21.03 15.83 14.95
CA HIS A 170 20.65 16.89 15.90
C HIS A 170 21.03 16.45 17.33
N ALA A 171 21.41 17.42 18.17
CA ALA A 171 21.62 17.22 19.63
C ALA A 171 20.44 16.49 20.25
N ASP A 172 19.18 16.73 19.83
CA ASP A 172 17.98 16.09 20.44
C ASP A 172 17.82 14.64 19.96
N ALA A 173 18.49 14.21 18.90
CA ALA A 173 18.15 12.89 18.28
C ALA A 173 18.45 11.77 19.28
N PRO A 174 17.55 10.77 19.46
CA PRO A 174 17.86 9.64 20.33
C PRO A 174 19.15 8.88 19.98
N GLY A 175 19.70 8.10 20.93
CA GLY A 175 20.81 7.17 20.68
C GLY A 175 22.14 7.87 20.47
N GLY A 176 22.37 9.00 21.16
CA GLY A 176 23.61 9.80 21.11
C GLY A 176 24.61 9.39 22.20
N SER A 181 25.92 0.69 20.97
CA SER A 181 25.68 -0.09 19.71
C SER A 181 24.47 -1.03 19.85
N SER A 182 23.23 -0.54 19.69
CA SER A 182 22.01 -1.38 19.73
C SER A 182 21.76 -2.11 18.36
N VAL A 183 22.40 -1.65 17.30
CA VAL A 183 22.17 -2.16 15.92
C VAL A 183 23.31 -3.11 15.55
N ARG A 184 22.97 -4.21 14.88
CA ARG A 184 23.96 -5.17 14.34
C ARG A 184 23.83 -5.25 12.82
N LEU A 185 24.98 -5.31 12.15
CA LEU A 185 25.04 -5.62 10.72
C LEU A 185 24.99 -7.13 10.56
N VAL A 186 24.01 -7.66 9.84
CA VAL A 186 23.82 -9.13 9.75
C VAL A 186 23.46 -9.53 8.33
N ARG A 187 23.56 -10.83 8.07
CA ARG A 187 23.10 -11.48 6.83
C ARG A 187 21.62 -11.74 7.02
N PRO A 188 20.77 -11.22 6.12
CA PRO A 188 19.32 -11.37 6.23
C PRO A 188 18.83 -12.82 6.44
N THR A 189 19.37 -13.76 5.68
CA THR A 189 18.87 -15.17 5.69
C THR A 189 19.13 -15.81 7.04
N GLU A 190 20.07 -15.30 7.85
CA GLU A 190 20.35 -15.91 9.17
C GLU A 190 19.43 -15.32 10.26
N HIS A 191 18.61 -14.32 9.97
CA HIS A 191 17.81 -13.67 11.05
C HIS A 191 16.32 -13.58 10.64
N ARG A 192 15.84 -14.55 9.88
CA ARG A 192 14.49 -14.52 9.27
C ARG A 192 13.43 -14.40 10.36
N GLY A 193 13.54 -15.21 11.40
CA GLY A 193 12.62 -15.21 12.54
C GLY A 193 12.47 -13.82 13.15
N GLU A 194 13.57 -13.10 13.34
CA GLU A 194 13.56 -11.78 13.97
C GLU A 194 12.91 -10.76 13.04
N PHE A 195 13.19 -10.80 11.72
CA PHE A 195 12.58 -9.87 10.75
C PHE A 195 11.05 -10.08 10.77
N GLU A 196 10.61 -11.34 10.73
CA GLU A 196 9.18 -11.75 10.68
C GLU A 196 8.47 -11.17 11.90
N ALA A 197 9.07 -11.28 13.08
CA ALA A 197 8.44 -10.85 14.34
C ALA A 197 8.37 -9.31 14.39
N ILE A 198 9.40 -8.61 13.91
CA ILE A 198 9.36 -7.12 13.95
C ILE A 198 8.29 -6.67 12.97
N TYR A 199 8.27 -7.23 11.76
CA TYR A 199 7.34 -6.85 10.67
C TYR A 199 5.90 -7.07 11.16
N GLU A 200 5.66 -8.22 11.78
CA GLU A 200 4.33 -8.59 12.35
C GLU A 200 3.88 -7.53 13.37
N ARG A 201 4.77 -7.00 14.20
CA ARG A 201 4.43 -5.94 15.18
C ARG A 201 4.12 -4.66 14.40
N TRP A 202 4.98 -4.31 13.43
CA TRP A 202 4.83 -3.09 12.63
C TRP A 202 3.46 -3.11 11.91
N ARG A 203 3.12 -4.19 11.23
CA ARG A 203 1.99 -4.19 10.27
C ARG A 203 0.66 -4.06 11.05
N GLN A 204 0.62 -4.55 12.29
CA GLN A 204 -0.60 -4.46 13.16
C GLN A 204 -0.80 -3.04 13.71
N GLN A 205 0.26 -2.22 13.75
CA GLN A 205 0.22 -0.89 14.36
C GLN A 205 -0.04 0.20 13.34
N VAL A 206 0.30 -0.01 12.07
CA VAL A 206 0.38 1.13 11.10
C VAL A 206 -0.73 0.96 10.06
N PRO A 207 -1.56 1.97 9.79
CA PRO A 207 -2.48 1.89 8.67
C PRO A 207 -1.66 1.73 7.38
N GLY A 208 -2.16 0.89 6.49
CA GLY A 208 -1.44 0.44 5.29
C GLY A 208 -0.75 -0.89 5.54
N GLY A 209 -0.54 -1.28 6.80
CA GLY A 209 0.18 -2.54 7.06
C GLY A 209 -0.54 -3.72 6.42
N LEU A 210 0.20 -4.68 5.87
CA LEU A 210 -0.34 -5.93 5.34
C LEU A 210 0.33 -7.08 6.05
N LEU A 211 -0.42 -8.11 6.38
CA LEU A 211 0.14 -9.41 6.81
C LEU A 211 1.04 -9.91 5.65
N ARG A 212 2.24 -10.33 5.98
CA ARG A 212 3.18 -10.88 4.98
C ARG A 212 3.24 -12.39 5.17
N PRO A 213 2.65 -13.21 4.29
CA PRO A 213 2.64 -14.65 4.51
C PRO A 213 4.05 -15.27 4.28
N GLN A 214 4.24 -16.51 4.71
CA GLN A 214 5.54 -17.22 4.64
C GLN A 214 6.08 -17.21 3.23
N VAL A 215 5.25 -17.42 2.22
CA VAL A 215 5.75 -17.50 0.83
C VAL A 215 6.36 -16.17 0.40
N LEU A 216 5.88 -15.05 0.93
CA LEU A 216 6.44 -13.71 0.54
C LEU A 216 7.75 -13.48 1.32
N TRP A 217 7.88 -13.97 2.55
CA TRP A 217 9.21 -13.96 3.22
C TRP A 217 10.20 -14.82 2.40
N ASP A 218 9.78 -16.01 1.93
CA ASP A 218 10.63 -16.85 1.05
C ASP A 218 11.13 -16.01 -0.13
N GLU A 219 10.22 -15.32 -0.83
CA GLU A 219 10.58 -14.51 -2.02
C GLU A 219 11.56 -13.42 -1.60
N LEU A 220 11.27 -12.70 -0.51
CA LEU A 220 12.07 -11.51 -0.10
C LEU A 220 13.52 -11.95 0.14
N LEU A 221 13.70 -13.05 0.85
CA LEU A 221 15.06 -13.53 1.24
C LEU A 221 15.78 -14.13 0.03
N ALA A 222 15.07 -14.69 -0.94
CA ALA A 222 15.65 -15.11 -2.23
C ALA A 222 16.12 -13.88 -3.06
N GLU A 223 15.39 -12.77 -3.04
CA GLU A 223 15.86 -11.51 -3.70
C GLU A 223 17.04 -10.85 -2.96
N ALA A 224 17.39 -11.26 -1.74
CA ALA A 224 18.45 -10.64 -0.92
C ALA A 224 19.83 -11.15 -1.38
N LYS A 225 19.82 -12.23 -2.17
CA LYS A 225 21.02 -12.87 -2.78
C LYS A 225 21.48 -12.00 -3.97
N ALA A 226 22.79 -11.90 -4.16
CA ALA A 226 23.38 -11.28 -5.37
C ALA A 226 23.02 -12.16 -6.58
N ALA A 227 22.73 -11.58 -7.74
CA ALA A 227 22.47 -12.33 -9.00
C ALA A 227 23.53 -11.98 -10.06
N PRO A 228 24.09 -12.95 -10.81
CA PRO A 228 24.98 -12.64 -11.94
C PRO A 228 24.32 -11.71 -12.96
N GLY A 229 24.89 -10.51 -13.17
CA GLY A 229 24.31 -9.46 -14.04
C GLY A 229 23.17 -8.67 -13.40
N GLY A 230 22.81 -8.99 -12.15
CA GLY A 230 21.64 -8.38 -11.49
C GLY A 230 22.03 -7.64 -10.22
N ASP A 231 21.20 -7.76 -9.19
CA ASP A 231 21.35 -7.02 -7.91
C ASP A 231 22.61 -7.49 -7.16
N ARG A 232 23.20 -6.58 -6.40
CA ARG A 232 24.28 -6.89 -5.44
C ARG A 232 23.63 -7.56 -4.24
N GLU A 233 24.44 -8.16 -3.39
CA GLU A 233 24.00 -8.78 -2.10
C GLU A 233 23.27 -7.74 -1.22
N SER A 234 22.18 -8.12 -0.57
CA SER A 234 21.55 -7.27 0.49
C SER A 234 22.19 -7.55 1.85
N PHE A 235 22.31 -6.52 2.68
CA PHE A 235 22.70 -6.68 4.09
C PHE A 235 21.52 -6.19 4.93
N ALA A 236 21.55 -6.51 6.20
CA ALA A 236 20.54 -6.03 7.15
C ALA A 236 21.20 -5.32 8.32
N LEU A 237 20.49 -4.32 8.85
CA LEU A 237 20.77 -3.64 10.12
C LEU A 237 19.64 -4.04 11.03
N LEU A 238 19.98 -4.66 12.17
CA LEU A 238 18.97 -5.31 13.05
C LEU A 238 19.05 -4.74 14.45
N HIS A 239 17.90 -4.22 14.91
CA HIS A 239 17.66 -3.66 16.26
C HIS A 239 16.58 -4.53 16.91
N PRO A 240 16.50 -4.65 18.25
CA PRO A 240 15.39 -5.40 18.87
C PRO A 240 14.01 -4.95 18.34
N ASP A 241 13.87 -3.67 17.99
CA ASP A 241 12.56 -3.07 17.62
C ASP A 241 12.53 -2.51 16.18
N GLY A 242 13.42 -2.96 15.30
CA GLY A 242 13.39 -2.49 13.90
C GLY A 242 14.47 -3.16 13.08
N TYR A 243 14.32 -3.14 11.76
CA TYR A 243 15.35 -3.59 10.81
C TYR A 243 15.30 -2.72 9.58
N ALA A 244 16.44 -2.67 8.88
CA ALA A 244 16.57 -2.07 7.53
C ALA A 244 17.25 -3.10 6.63
N LEU A 245 16.71 -3.34 5.45
CA LEU A 245 17.38 -4.15 4.41
C LEU A 245 17.87 -3.19 3.34
N TYR A 246 19.12 -3.34 2.91
CA TYR A 246 19.69 -2.40 1.91
C TYR A 246 20.66 -3.17 1.00
N ARG A 247 20.96 -2.56 -0.12
CA ARG A 247 21.98 -3.05 -1.07
C ARG A 247 22.58 -1.84 -1.76
N VAL A 248 23.83 -1.98 -2.15
CA VAL A 248 24.45 -1.00 -3.08
C VAL A 248 23.78 -1.12 -4.44
N ASP A 249 23.55 0.00 -5.09
CA ASP A 249 22.92 0.05 -6.44
C ASP A 249 23.81 -0.72 -7.44
N ARG A 250 23.20 -1.39 -8.43
CA ARG A 250 23.91 -2.22 -9.45
C ARG A 250 25.03 -1.44 -10.13
N THR A 251 24.75 -0.18 -10.48
CA THR A 251 25.58 0.64 -11.39
C THR A 251 26.16 1.85 -10.66
N ASP A 252 25.39 2.54 -9.83
CA ASP A 252 25.93 3.67 -9.00
C ASP A 252 26.47 3.09 -7.69
N LEU A 253 27.78 2.87 -7.59
CA LEU A 253 28.41 2.16 -6.45
C LEU A 253 28.52 3.06 -5.23
N LYS A 254 28.16 4.33 -5.32
CA LYS A 254 28.15 5.27 -4.16
C LYS A 254 26.71 5.49 -3.65
N LEU A 255 25.73 4.78 -4.19
CA LEU A 255 24.31 4.84 -3.71
C LEU A 255 23.94 3.55 -2.98
N ALA A 256 23.48 3.64 -1.73
CA ALA A 256 22.83 2.47 -1.08
C ALA A 256 21.31 2.67 -1.14
N ARG A 257 20.60 1.64 -1.58
CA ARG A 257 19.13 1.67 -1.63
C ARG A 257 18.58 0.85 -0.46
N VAL A 258 17.81 1.47 0.39
CA VAL A 258 17.09 0.76 1.49
C VAL A 258 15.84 0.15 0.87
N SER A 259 15.71 -1.18 0.84
CA SER A 259 14.54 -1.81 0.18
C SER A 259 13.36 -1.76 1.16
N GLU A 260 13.66 -1.79 2.47
CA GLU A 260 12.61 -1.84 3.51
C GLU A 260 13.17 -1.50 4.89
N LEU A 261 12.60 -0.51 5.58
CA LEU A 261 12.93 -0.20 6.97
C LEU A 261 11.64 -0.25 7.78
N ARG A 262 11.58 -1.16 8.74
CA ARG A 262 10.40 -1.33 9.61
C ARG A 262 10.86 -1.10 11.04
N ALA A 263 10.37 -0.03 11.66
CA ALA A 263 10.71 0.36 13.03
C ALA A 263 9.40 0.49 13.82
N VAL A 264 9.38 -0.13 14.97
CA VAL A 264 8.19 -0.17 15.85
C VAL A 264 8.32 0.94 16.88
N THR A 265 9.52 1.48 17.11
CA THR A 265 9.73 2.58 18.08
C THR A 265 10.54 3.67 17.40
N ALA A 266 10.44 4.91 17.92
CA ALA A 266 11.26 6.06 17.49
C ALA A 266 12.74 5.75 17.78
N ASP A 267 13.05 5.13 18.91
CA ASP A 267 14.46 4.80 19.22
C ASP A 267 15.03 3.89 18.11
N ALA A 268 14.28 2.88 17.69
CA ALA A 268 14.75 1.94 16.65
C ALA A 268 14.96 2.70 15.32
N HIS A 269 14.01 3.51 14.90
CA HIS A 269 14.07 4.32 13.67
C HIS A 269 15.35 5.16 13.70
N CYS A 270 15.60 5.89 14.78
CA CYS A 270 16.81 6.76 14.83
C CYS A 270 18.09 5.90 14.82
N ALA A 271 18.11 4.78 15.54
CA ALA A 271 19.32 3.93 15.67
C ALA A 271 19.68 3.36 14.29
N LEU A 272 18.66 2.95 13.51
CA LEU A 272 18.88 2.36 12.18
C LEU A 272 19.46 3.44 11.26
N TRP A 273 18.93 4.66 11.33
CA TRP A 273 19.43 5.77 10.47
C TRP A 273 20.84 6.17 10.87
N ARG A 274 21.17 6.15 12.18
CA ARG A 274 22.58 6.39 12.60
C ARG A 274 23.51 5.38 11.91
N ALA A 275 23.11 4.11 11.86
CA ALA A 275 23.91 3.05 11.21
C ALA A 275 23.96 3.28 9.70
N LEU A 276 22.85 3.63 9.06
CA LEU A 276 22.83 3.86 7.59
C LEU A 276 23.71 5.05 7.23
N ILE A 277 23.66 6.11 8.02
CA ILE A 277 24.53 7.31 7.79
C ILE A 277 26.00 6.94 8.10
N GLY A 278 26.26 5.83 8.80
CA GLY A 278 27.63 5.33 8.99
C GLY A 278 28.12 4.46 7.84
N LEU A 279 27.37 4.28 6.76
CA LEU A 279 27.89 3.60 5.53
C LEU A 279 28.87 4.54 4.82
N ASP A 280 30.08 4.67 5.39
CA ASP A 280 31.08 5.73 5.06
C ASP A 280 31.52 5.62 3.60
N SER A 281 31.41 4.45 2.94
CA SER A 281 31.81 4.34 1.50
C SER A 281 30.70 4.85 0.54
N MET A 282 29.52 5.25 1.05
CA MET A 282 28.43 5.73 0.16
C MET A 282 28.45 7.24 0.17
N GLU A 283 28.01 7.85 -0.91
CA GLU A 283 27.66 9.28 -0.94
C GLU A 283 26.20 9.52 -0.57
N ARG A 284 25.33 8.62 -0.99
CA ARG A 284 23.86 8.81 -0.88
C ARG A 284 23.21 7.52 -0.37
N ILE A 285 22.16 7.68 0.41
CA ILE A 285 21.25 6.59 0.89
C ILE A 285 19.86 7.00 0.42
N SER A 286 19.16 6.13 -0.30
CA SER A 286 17.79 6.42 -0.77
C SER A 286 16.84 5.41 -0.11
N ILE A 287 15.60 5.86 0.16
CA ILE A 287 14.54 4.97 0.71
C ILE A 287 13.21 5.43 0.12
N ILE A 288 12.32 4.48 -0.15
CA ILE A 288 10.90 4.78 -0.49
C ILE A 288 10.14 4.71 0.83
N THR A 289 9.71 5.87 1.30
CA THR A 289 9.08 5.97 2.63
C THR A 289 7.73 6.71 2.47
N HIS A 290 7.24 7.29 3.56
CA HIS A 290 5.95 8.02 3.58
C HIS A 290 6.21 9.48 3.92
N PRO A 291 5.21 10.36 3.66
CA PRO A 291 5.42 11.80 3.79
C PRO A 291 5.73 12.27 5.22
N GLN A 292 5.36 11.49 6.23
CA GLN A 292 5.58 11.91 7.63
C GLN A 292 6.81 11.22 8.21
N ASP A 293 7.72 10.68 7.38
CA ASP A 293 8.96 10.07 7.91
C ASP A 293 9.66 11.14 8.73
N PRO A 294 10.00 10.88 10.01
CA PRO A 294 10.67 11.91 10.83
C PRO A 294 12.17 12.11 10.53
N LEU A 295 12.77 11.29 9.66
CA LEU A 295 14.20 11.35 9.30
C LEU A 295 14.70 12.78 9.18
N PRO A 296 14.09 13.67 8.37
CA PRO A 296 14.69 14.98 8.16
C PRO A 296 14.91 15.71 9.48
N HIS A 297 14.02 15.49 10.45
CA HIS A 297 14.03 16.19 11.77
C HIS A 297 15.14 15.67 12.68
N LEU A 298 15.69 14.50 12.36
CA LEU A 298 16.81 13.88 13.10
C LEU A 298 18.11 14.59 12.79
N LEU A 299 18.18 15.36 11.71
CA LEU A 299 19.45 15.96 11.21
C LEU A 299 19.50 17.44 11.55
N THR A 300 20.70 18.00 11.69
CA THR A 300 20.90 19.47 11.87
C THR A 300 20.48 20.22 10.61
N ASP A 301 20.53 19.58 9.43
CA ASP A 301 20.12 20.20 8.16
C ASP A 301 18.98 19.34 7.57
N THR A 302 17.73 19.75 7.80
CA THR A 302 16.52 19.03 7.35
C THR A 302 16.56 18.90 5.83
N ARG A 303 17.25 19.81 5.15
CA ARG A 303 17.24 19.84 3.66
C ARG A 303 18.06 18.69 3.09
N LEU A 304 18.94 18.07 3.87
CA LEU A 304 19.77 16.95 3.35
C LEU A 304 18.89 15.73 3.06
N ALA A 305 17.74 15.58 3.72
CA ALA A 305 16.81 14.48 3.36
C ALA A 305 15.92 14.97 2.21
N ARG A 306 16.40 14.84 0.97
CA ARG A 306 15.76 15.44 -0.23
C ARG A 306 14.66 14.50 -0.76
N THR A 307 13.50 15.06 -1.07
CA THR A 307 12.42 14.33 -1.78
C THR A 307 12.73 14.28 -3.25
N THR A 308 13.06 13.09 -3.75
CA THR A 308 13.54 12.82 -5.10
C THR A 308 12.42 12.22 -5.96
N TRP A 309 11.27 11.82 -5.39
CA TRP A 309 10.20 11.11 -6.13
C TRP A 309 9.00 11.01 -5.20
N ARG A 310 7.80 11.20 -5.74
CA ARG A 310 6.53 11.02 -5.01
C ARG A 310 5.54 10.38 -5.94
N GLN A 311 4.76 9.42 -5.44
CA GLN A 311 3.80 8.68 -6.30
C GLN A 311 2.75 8.03 -5.37
N ASP A 312 1.57 7.80 -5.93
CA ASP A 312 0.49 6.99 -5.31
C ASP A 312 1.10 5.62 -4.99
N GLY A 313 0.73 5.05 -3.87
CA GLY A 313 1.12 3.69 -3.49
C GLY A 313 -0.07 2.77 -3.60
N LEU A 314 -0.68 2.43 -2.47
CA LEU A 314 -1.83 1.51 -2.47
C LEU A 314 -3.10 2.27 -2.89
N TRP A 315 -3.91 1.65 -3.74
CA TRP A 315 -5.23 2.17 -4.15
C TRP A 315 -6.32 1.32 -3.47
N LEU A 316 -7.42 1.94 -3.07
CA LEU A 316 -8.54 1.24 -2.39
C LEU A 316 -9.85 1.41 -3.15
N ARG A 317 -10.59 0.32 -3.26
CA ARG A 317 -12.00 0.42 -3.68
C ARG A 317 -12.86 -0.03 -2.49
N ILE A 318 -13.64 0.87 -1.95
CA ILE A 318 -14.59 0.51 -0.86
C ILE A 318 -15.71 -0.33 -1.52
N MET A 319 -15.84 -1.60 -1.17
CA MET A 319 -16.82 -2.53 -1.77
C MET A 319 -18.16 -2.40 -1.04
N ASN A 320 -18.14 -2.19 0.28
CA ASN A 320 -19.36 -2.05 1.12
C ASN A 320 -19.19 -0.81 2.01
N VAL A 321 -19.90 0.27 1.67
CA VAL A 321 -19.67 1.60 2.29
C VAL A 321 -19.91 1.50 3.79
N PRO A 322 -21.05 0.98 4.27
CA PRO A 322 -21.26 0.90 5.71
C PRO A 322 -20.29 0.01 6.46
N ALA A 323 -19.96 -1.17 5.92
CA ALA A 323 -19.03 -2.06 6.62
C ALA A 323 -17.64 -1.36 6.75
N ALA A 324 -17.14 -0.74 5.68
CA ALA A 324 -15.84 -0.04 5.74
C ALA A 324 -15.92 1.13 6.73
N LEU A 325 -16.94 2.01 6.63
CA LEU A 325 -16.96 3.23 7.47
C LEU A 325 -17.19 2.85 8.94
N GLU A 326 -17.93 1.78 9.22
CA GLU A 326 -18.13 1.40 10.63
C GLU A 326 -16.90 0.69 11.20
N ALA A 327 -16.08 0.08 10.35
CA ALA A 327 -14.95 -0.77 10.81
C ALA A 327 -13.79 0.08 11.33
N ARG A 328 -13.47 1.20 10.68
CA ARG A 328 -12.25 1.95 11.06
C ARG A 328 -12.54 2.81 12.30
N GLY A 329 -11.50 3.20 13.01
CA GLY A 329 -11.58 4.14 14.13
C GLY A 329 -11.46 5.55 13.64
N TYR A 330 -11.98 6.52 14.36
CA TYR A 330 -11.93 7.95 13.96
C TYR A 330 -11.26 8.76 15.07
N ALA A 331 -10.83 9.97 14.74
CA ALA A 331 -10.14 10.87 15.70
C ALA A 331 -11.09 11.15 16.87
N HIS A 332 -10.62 10.96 18.11
CA HIS A 332 -11.33 11.32 19.36
C HIS A 332 -11.45 12.84 19.55
N GLU A 333 -10.61 13.64 18.90
CA GLU A 333 -10.53 15.11 19.10
C GLU A 333 -11.76 15.87 18.57
N VAL A 334 -12.51 15.29 17.63
CA VAL A 334 -13.69 15.95 17.01
C VAL A 334 -14.94 15.51 17.81
N GLY A 335 -15.80 16.45 18.12
CA GLY A 335 -17.02 16.11 18.89
C GLY A 335 -18.02 15.38 18.00
N GLU A 336 -18.93 14.64 18.63
CA GLU A 336 -19.99 13.95 17.91
C GLU A 336 -20.62 14.85 16.83
N PHE A 337 -20.80 14.32 15.62
CA PHE A 337 -21.55 15.00 14.55
C PHE A 337 -22.25 13.95 13.68
N SER A 338 -23.30 14.39 12.99
CA SER A 338 -24.16 13.55 12.10
C SER A 338 -24.21 14.21 10.75
N THR A 339 -24.22 13.42 9.67
CA THR A 339 -24.38 14.00 8.33
C THR A 339 -25.05 12.93 7.46
N VAL A 340 -25.29 13.27 6.22
CA VAL A 340 -25.81 12.32 5.21
C VAL A 340 -24.80 12.35 4.07
N LEU A 341 -24.25 11.17 3.79
CA LEU A 341 -23.23 10.95 2.75
C LEU A 341 -23.85 10.15 1.62
N GLU A 342 -23.73 10.66 0.41
CA GLU A 342 -24.10 9.90 -0.78
C GLU A 342 -22.81 9.54 -1.53
N VAL A 343 -22.62 8.26 -1.79
CA VAL A 343 -21.61 7.77 -2.75
C VAL A 343 -22.31 7.56 -4.10
N SER A 344 -21.75 8.13 -5.16
CA SER A 344 -22.32 8.08 -6.53
C SER A 344 -22.59 6.61 -6.87
N ASP A 345 -23.84 6.22 -7.11
CA ASP A 345 -24.15 4.78 -7.37
C ASP A 345 -23.58 3.83 -6.29
N GLY A 346 -23.52 4.23 -5.01
CA GLY A 346 -23.05 3.34 -3.93
C GLY A 346 -23.85 3.46 -2.63
N GLY A 347 -24.98 4.14 -2.66
CA GLY A 347 -25.91 4.30 -1.53
C GLY A 347 -25.87 5.69 -0.93
N ARG A 348 -26.90 6.01 -0.19
CA ARG A 348 -26.93 7.17 0.71
C ARG A 348 -27.07 6.71 2.15
N PHE A 349 -26.32 7.34 3.05
CA PHE A 349 -26.19 6.88 4.44
C PHE A 349 -26.27 8.04 5.41
N ALA A 350 -26.97 7.81 6.50
CA ALA A 350 -26.85 8.61 7.74
C ALA A 350 -25.55 8.20 8.44
N LEU A 351 -24.61 9.14 8.55
CA LEU A 351 -23.26 8.85 9.08
C LEU A 351 -23.14 9.63 10.37
N LYS A 352 -23.02 8.91 11.48
CA LYS A 352 -22.83 9.55 12.79
C LYS A 352 -21.48 9.13 13.32
N ILE A 353 -20.66 10.10 13.67
CA ILE A 353 -19.27 9.86 14.14
C ILE A 353 -19.12 10.48 15.52
N GLY A 354 -18.78 9.67 16.51
CA GLY A 354 -18.47 10.21 17.85
C GLY A 354 -17.72 9.21 18.68
N ASP A 355 -16.93 9.69 19.64
CA ASP A 355 -16.11 8.85 20.55
C ASP A 355 -15.26 7.91 19.69
N GLY A 356 -14.78 8.39 18.54
CA GLY A 356 -13.90 7.61 17.65
C GLY A 356 -14.57 6.49 16.88
N ARG A 357 -15.92 6.41 16.85
CA ARG A 357 -16.63 5.30 16.16
C ARG A 357 -17.66 5.91 15.20
N ALA A 358 -17.93 5.22 14.11
CA ALA A 358 -19.00 5.63 13.17
C ALA A 358 -20.14 4.61 13.19
N ARG A 359 -21.33 5.12 13.01
CA ARG A 359 -22.56 4.33 12.69
C ARG A 359 -23.03 4.84 11.31
N CYS A 360 -23.27 3.94 10.36
CA CYS A 360 -23.53 4.30 8.94
C CYS A 360 -24.75 3.53 8.44
N THR A 361 -25.94 4.17 8.37
CA THR A 361 -27.25 3.47 8.17
C THR A 361 -27.96 4.01 6.93
N PRO A 362 -28.79 3.17 6.25
CA PRO A 362 -29.49 3.63 5.05
C PRO A 362 -30.39 4.83 5.32
N THR A 363 -30.45 5.75 4.38
CA THR A 363 -31.41 6.87 4.52
C THR A 363 -31.84 7.35 3.14
N ASP A 364 -33.01 7.94 3.06
CA ASP A 364 -33.42 8.69 1.87
C ASP A 364 -33.44 10.19 2.20
N ALA A 365 -33.01 10.62 3.38
CA ALA A 365 -32.85 12.08 3.68
C ALA A 365 -31.95 12.76 2.63
N ALA A 366 -32.09 14.07 2.45
CA ALA A 366 -31.26 14.84 1.50
C ALA A 366 -29.77 14.67 1.85
N ALA A 367 -28.92 14.50 0.85
CA ALA A 367 -27.47 14.36 1.03
C ALA A 367 -26.87 15.70 1.45
N GLU A 368 -25.96 15.69 2.42
CA GLU A 368 -25.19 16.89 2.79
C GLU A 368 -23.80 16.80 2.12
N ILE A 369 -23.35 15.59 1.79
CA ILE A 369 -22.00 15.36 1.18
C ILE A 369 -22.18 14.35 0.06
N GLU A 370 -21.59 14.61 -1.10
CA GLU A 370 -21.62 13.66 -2.23
C GLU A 370 -20.20 13.47 -2.77
N MET A 371 -19.88 12.26 -3.18
CA MET A 371 -18.57 11.94 -3.81
C MET A 371 -18.68 10.60 -4.55
N ASP A 372 -17.88 10.40 -5.59
CA ASP A 372 -17.70 9.08 -6.23
C ASP A 372 -17.02 8.11 -5.25
N ARG A 373 -17.20 6.82 -5.50
CA ARG A 373 -16.62 5.75 -4.66
C ARG A 373 -15.09 5.90 -4.52
N ASP A 374 -14.39 6.27 -5.60
CA ASP A 374 -12.89 6.35 -5.57
C ASP A 374 -12.44 7.38 -4.51
N VAL A 375 -13.20 8.42 -4.34
CA VAL A 375 -12.84 9.54 -3.44
C VAL A 375 -12.89 9.01 -2.03
N LEU A 376 -13.91 8.22 -1.73
CA LEU A 376 -14.01 7.66 -0.39
C LEU A 376 -12.76 6.81 -0.11
N GLY A 377 -12.32 5.99 -1.06
CA GLY A 377 -11.13 5.15 -0.86
C GLY A 377 -9.89 6.03 -0.57
N SER A 378 -9.74 7.16 -1.29
CA SER A 378 -8.65 8.14 -1.04
C SER A 378 -8.68 8.73 0.38
N LEU A 379 -9.87 8.94 0.96
CA LEU A 379 -10.03 9.53 2.30
C LEU A 379 -9.73 8.49 3.37
N TYR A 380 -9.93 7.22 3.04
CA TYR A 380 -10.23 6.17 4.04
C TYR A 380 -9.06 5.92 5.01
N LEU A 381 -7.82 5.95 4.55
CA LEU A 381 -6.66 5.70 5.46
C LEU A 381 -6.06 7.04 5.96
N GLY A 382 -6.69 8.18 5.69
CA GLY A 382 -6.17 9.49 6.14
C GLY A 382 -5.06 10.09 5.28
N ALA A 383 -4.76 9.61 4.09
CA ALA A 383 -3.66 10.14 3.25
C ALA A 383 -4.05 11.44 2.53
N HIS A 384 -5.33 11.66 2.28
CA HIS A 384 -5.85 12.82 1.53
C HIS A 384 -6.89 13.49 2.40
N ARG A 385 -6.86 14.81 2.46
CA ARG A 385 -7.83 15.62 3.25
C ARG A 385 -9.12 15.83 2.44
N ALA A 386 -10.27 15.69 3.10
CA ALA A 386 -11.59 16.03 2.54
C ALA A 386 -11.56 17.45 1.96
N SER A 387 -10.92 18.41 2.64
CA SER A 387 -10.94 19.82 2.18
C SER A 387 -10.14 19.91 0.85
N THR A 388 -9.10 19.10 0.68
CA THR A 388 -8.31 19.12 -0.59
C THR A 388 -9.16 18.56 -1.75
N LEU A 389 -9.85 17.45 -1.52
CA LEU A 389 -10.72 16.85 -2.54
C LEU A 389 -11.90 17.78 -2.83
N ALA A 390 -12.42 18.48 -1.81
CA ALA A 390 -13.50 19.46 -2.01
C ALA A 390 -13.03 20.58 -2.95
N ALA A 391 -11.80 21.05 -2.78
CA ALA A 391 -11.28 22.17 -3.57
C ALA A 391 -11.17 21.74 -5.03
N ALA A 392 -11.11 20.44 -5.37
CA ALA A 392 -11.10 19.96 -6.76
C ALA A 392 -12.52 19.59 -7.23
N ASN A 393 -13.51 19.79 -6.36
CA ASN A 393 -14.93 19.41 -6.59
C ASN A 393 -15.08 17.89 -6.74
N ARG A 394 -14.16 17.10 -6.17
CA ARG A 394 -14.32 15.62 -6.17
C ARG A 394 -15.27 15.19 -5.04
N LEU A 395 -15.43 16.05 -4.05
CA LEU A 395 -16.32 15.88 -2.86
C LEU A 395 -17.12 17.19 -2.79
N ARG A 396 -18.44 17.13 -2.70
CA ARG A 396 -19.31 18.33 -2.80
C ARG A 396 -20.17 18.39 -1.55
N THR A 397 -20.04 19.50 -0.85
CA THR A 397 -20.92 19.94 0.26
C THR A 397 -21.00 21.47 0.20
N LYS A 398 -22.04 22.01 0.81
CA LYS A 398 -22.30 23.47 0.96
C LYS A 398 -21.96 23.89 2.39
N ASP A 399 -21.52 22.94 3.23
CA ASP A 399 -21.21 23.20 4.64
C ASP A 399 -19.70 23.18 4.90
N SER A 400 -19.00 24.33 5.07
CA SER A 400 -17.53 24.32 5.34
C SER A 400 -17.25 23.74 6.74
N GLN A 401 -18.14 23.94 7.71
CA GLN A 401 -17.98 23.31 9.03
C GLN A 401 -17.98 21.78 8.93
N LEU A 402 -18.89 21.22 8.14
CA LEU A 402 -18.91 19.75 7.90
C LEU A 402 -17.60 19.27 7.28
N LEU A 403 -17.04 20.02 6.33
CA LEU A 403 -15.73 19.67 5.75
C LEU A 403 -14.65 19.64 6.82
N ARG A 404 -14.60 20.66 7.67
CA ARG A 404 -13.57 20.65 8.74
C ARG A 404 -13.77 19.42 9.61
N ARG A 405 -15.02 19.12 9.96
CA ARG A 405 -15.28 17.94 10.81
C ARG A 405 -14.86 16.62 10.15
N LEU A 406 -15.17 16.46 8.87
CA LEU A 406 -14.72 15.24 8.15
C LEU A 406 -13.22 15.16 8.08
N ASP A 407 -12.55 16.26 7.71
CA ASP A 407 -11.06 16.28 7.70
C ASP A 407 -10.53 15.78 9.02
N ALA A 408 -11.01 16.35 10.15
CA ALA A 408 -10.47 16.00 11.48
C ALA A 408 -10.80 14.54 11.78
N ALA A 409 -12.02 14.08 11.43
CA ALA A 409 -12.47 12.75 11.91
C ALA A 409 -11.67 11.67 11.17
N PHE A 410 -11.50 11.83 9.84
CA PHE A 410 -10.87 10.80 8.97
C PHE A 410 -9.34 10.83 9.11
N ALA A 411 -8.77 11.85 9.75
CA ALA A 411 -7.31 11.90 10.00
C ALA A 411 -6.90 10.67 10.77
N SER A 412 -5.69 10.21 10.49
CA SER A 412 -5.09 9.08 11.23
C SER A 412 -4.03 9.62 12.19
N ASP A 413 -4.16 9.27 13.45
CA ASP A 413 -3.15 9.49 14.51
C ASP A 413 -1.78 8.96 14.05
N VAL A 414 -1.71 7.69 13.67
CA VAL A 414 -0.50 7.02 13.16
C VAL A 414 -0.48 7.25 11.67
N PRO A 415 0.57 7.90 11.14
CA PRO A 415 0.67 8.15 9.70
C PRO A 415 0.58 6.86 8.87
N VAL A 416 -0.14 6.96 7.77
CA VAL A 416 -0.37 5.85 6.81
C VAL A 416 0.93 5.56 6.08
N GLN A 417 1.28 4.29 6.02
CA GLN A 417 2.49 3.82 5.31
C GLN A 417 2.09 2.77 4.27
N THR A 418 3.04 2.42 3.39
CA THR A 418 2.81 1.39 2.34
C THR A 418 3.61 0.16 2.74
N ALA A 419 2.97 -0.98 2.82
CA ALA A 419 3.62 -2.24 3.29
C ALA A 419 4.55 -2.78 2.18
N PHE A 420 4.00 -3.47 1.21
CA PHE A 420 4.77 -4.08 0.10
C PHE A 420 3.85 -4.07 -1.10
N GLU A 421 4.46 -4.00 -2.25
CA GLU A 421 3.80 -3.97 -3.55
C GLU A 421 3.30 -5.37 -3.89
N PHE A 422 2.21 -5.43 -4.65
CA PHE A 422 1.60 -6.69 -5.15
C PHE A 422 0.89 -6.34 -6.44
N XEW B . 1.27 -11.18 -8.07
N XEW B . 1.41 -11.03 -8.25
C XEW B . -0.02 -14.83 -9.23
C XEW B . 0.01 -14.71 -9.18
CL XEW B . -0.67 -16.41 -9.65
CL XEW B . -0.64 -16.30 -9.52
C10 XEW B . 1.09 -14.33 -9.91
C10 XEW B . 1.25 -14.35 -9.69
C9 XEW B . 1.56 -13.09 -9.56
C9 XEW B . 1.73 -13.10 -9.40
C3 XEW B . 0.91 -12.36 -8.56
C3 XEW B . 0.98 -12.23 -8.63
C2 XEW B . -0.18 -12.90 -7.90
C2 XEW B . -0.26 -12.61 -8.13
C1 XEW B . -0.65 -14.14 -8.23
C1 XEW B . -0.74 -13.87 -8.41
C4 XEW B . 2.45 -10.56 -8.20
C4 XEW B . 2.63 -10.52 -8.50
N4 XEW B . 3.29 -10.81 -9.12
N4 XEW B . 2.65 -9.27 -8.43
N1 XEW B . 2.69 -9.62 -7.31
N1 XEW B . 3.69 -11.13 -9.09
C5 XEW B . 3.64 -8.85 -7.82
C5 XEW B . 4.40 -10.44 -10.03
N3 XEW B . 3.33 -8.27 -8.89
N3 XEW B . 4.04 -9.30 -10.44
N2 XEW B . 4.82 -8.66 -7.32
N2 XEW B . 5.60 -10.82 -10.47
C6 XEW B . 5.03 -7.23 -7.17
C6 XEW B . 6.38 -11.91 -9.92
C8 XEW B . 6.15 -7.06 -6.18
C8 XEW B . 5.59 -13.21 -10.00
C7 XEW B . 5.22 -6.42 -8.45
C7 XEW B . 6.80 -11.59 -8.49
C1 GOL C . -2.28 -5.88 -11.59
O1 GOL C . -1.28 -5.75 -12.59
C2 GOL C . -2.47 -4.63 -10.77
O2 GOL C . -1.18 -4.25 -10.32
C3 GOL C . -3.15 -3.49 -11.54
O3 GOL C . -2.21 -2.52 -12.02
C1 GOL D . -19.41 -4.03 -5.44
O1 GOL D . -19.14 -3.01 -4.49
C2 GOL D . -20.12 -3.52 -6.68
O2 GOL D . -20.00 -2.10 -6.83
C3 GOL D . -19.64 -4.21 -7.93
O3 GOL D . -20.02 -5.59 -7.92
C1 GOL E . 7.19 2.25 2.39
O1 GOL E . 7.00 2.96 1.17
C2 GOL E . 6.93 3.14 3.58
O2 GOL E . 5.67 3.76 3.47
C3 GOL E . 7.03 2.40 4.91
O3 GOL E . 7.17 3.31 5.99
C1 PEG F . 10.35 3.25 6.83
O1 PEG F . 9.91 3.86 5.62
C2 PEG F . 10.50 4.22 7.98
O2 PEG F . 9.74 3.83 9.12
C3 PEG F . 8.61 4.67 9.34
C4 PEG F . 9.09 6.05 9.68
O4 PEG F . 8.31 6.66 10.65
S DMS G . -7.22 6.76 14.91
O DMS G . -6.63 7.85 15.74
C1 DMS G . -8.49 6.01 15.93
C2 DMS G . -8.22 7.58 13.71
C1 GOL H . -7.28 -20.00 -9.62
O1 GOL H . -8.58 -20.04 -10.22
C2 GOL H . -7.38 -20.36 -8.16
O2 GOL H . -7.83 -21.71 -8.06
C3 GOL H . -6.09 -20.24 -7.40
O3 GOL H . -5.03 -20.93 -8.05
#